data_8RWP
#
_entry.id   8RWP
#
_cell.length_a   60.140
_cell.length_b   78.490
_cell.length_c   55.640
_cell.angle_alpha   90.000
_cell.angle_beta   90.000
_cell.angle_gamma   90.000
#
_symmetry.space_group_name_H-M   'P 21 21 2'
#
loop_
_entity.id
_entity.type
_entity.pdbx_description
1 polymer 'Carbapenem-hydrolyzing beta-lactamase KPC'
2 non-polymer GLYCEROL
3 non-polymer (2S,5R)-1-formyl-5-[(sulfooxy)amino]piperidine-2-carboxamide
4 non-polymer (2~{S})-5-azanylidene-1-methanoyl-piperidine-2-carboxamide
5 non-polymer 'SULFATE ION'
6 water water
#
_entity_poly.entity_id   1
_entity_poly.type   'polypeptide(L)'
_entity_poly.pdbx_seq_one_letter_code
;MGSSHHHHHHSSGLVPRGSHMLTNLVAEPFAKLEQDFGGSIGVYAMDTGSGATVSYRAEERFPLCSSFKGFLAAAVLARS
QQQADLLDTPIRYGKNALVPWSPISEKYLTTGMTVAELSAAAVQYSDNAAANLLLKELGGPAGLTAFMRSIGDTTFRLDR
WELELNSAIPGDARDTSSPRAVTESLQKLTLGSALAAPQRQQFVDWLKGNTTGNHRIRAAVPADWAVGDKTGTCGVYGTA
NDYAVVWPTGRAPIVLAVYTRAPNKDDKHSEAVIAAAARLALEGLGVNGQ
;
_entity_poly.pdbx_strand_id   A
#
loop_
_chem_comp.id
_chem_comp.type
_chem_comp.name
_chem_comp.formula
A1H3M non-polymer (2~{S})-5-azanylidene-1-methanoyl-piperidine-2-carboxamide 'C7 H11 N3 O2'
GOL non-polymer GLYCEROL 'C3 H8 O3'
NXL non-polymer (2S,5R)-1-formyl-5-[(sulfooxy)amino]piperidine-2-carboxamide 'C7 H13 N3 O6 S'
SO4 non-polymer 'SULFATE ION' 'O4 S -2'
#
# COMPACT_ATOMS: atom_id res chain seq x y z
N HIS A 20 -10.46 -0.50 22.57
CA HIS A 20 -11.28 0.69 22.36
C HIS A 20 -10.82 1.84 23.24
N MET A 21 -10.25 1.53 24.40
CA MET A 21 -9.87 2.56 25.36
C MET A 21 -8.83 3.51 24.80
N LEU A 22 -8.01 3.04 23.90
CA LEU A 22 -6.95 3.85 23.30
C LEU A 22 -7.25 4.26 21.87
N THR A 23 -8.47 4.02 21.39
CA THR A 23 -8.89 4.41 20.06
C THR A 23 -9.55 5.78 20.08
N ASN A 24 -9.08 6.68 19.21
CA ASN A 24 -9.65 8.02 19.08
C ASN A 24 -9.73 8.74 20.43
N LEU A 25 -8.61 8.74 21.15
CA LEU A 25 -8.53 9.54 22.37
C LEU A 25 -8.75 11.02 22.08
N VAL A 26 -8.39 11.47 20.88
CA VAL A 26 -8.49 12.87 20.47
C VAL A 26 -9.26 12.90 19.16
N ALA A 27 -10.42 13.54 19.14
CA ALA A 27 -11.21 13.59 17.92
C ALA A 27 -10.58 14.53 16.92
N GLU A 28 -10.73 14.21 15.65
CA GLU A 28 -10.21 14.97 14.53
C GLU A 28 -11.29 15.16 13.48
N PRO A 29 -11.27 16.28 12.75
CA PRO A 29 -12.38 16.62 11.84
C PRO A 29 -12.31 15.90 10.49
N PHE A 30 -12.35 14.57 10.54
CA PHE A 30 -12.35 13.80 9.29
C PHE A 30 -13.63 14.01 8.50
N ALA A 31 -14.77 14.13 9.16
CA ALA A 31 -16.03 14.29 8.45
C ALA A 31 -16.03 15.57 7.62
N LYS A 32 -15.54 16.67 8.17
CA LYS A 32 -15.47 17.89 7.37
C LYS A 32 -14.54 17.70 6.18
N LEU A 33 -13.43 17.00 6.38
CA LEU A 33 -12.50 16.78 5.28
C LEU A 33 -13.16 15.99 4.15
N GLU A 34 -13.89 14.92 4.47
CA GLU A 34 -14.43 14.11 3.39
C GLU A 34 -15.60 14.83 2.73
N GLN A 35 -16.33 15.66 3.48
CA GLN A 35 -17.41 16.42 2.88
C GLN A 35 -16.90 17.46 1.89
N ASP A 36 -15.77 18.10 2.22
CA ASP A 36 -15.15 19.02 1.27
C ASP A 36 -14.60 18.28 0.05
N PHE A 37 -14.08 17.07 0.26
CA PHE A 37 -13.61 16.24 -0.84
C PHE A 37 -14.76 15.76 -1.72
N GLY A 38 -15.96 15.61 -1.14
CA GLY A 38 -17.09 15.10 -1.88
C GLY A 38 -17.17 13.59 -1.93
N GLY A 39 -16.63 12.91 -0.93
CA GLY A 39 -16.64 11.46 -0.92
C GLY A 39 -16.42 10.91 0.44
N SER A 40 -15.80 9.74 0.49
CA SER A 40 -15.52 9.05 1.74
C SER A 40 -14.02 8.88 1.92
N ILE A 41 -13.56 9.08 3.15
CA ILE A 41 -12.18 8.86 3.52
C ILE A 41 -12.14 7.84 4.65
N GLY A 42 -11.25 6.86 4.51
CA GLY A 42 -11.01 5.86 5.52
C GLY A 42 -9.60 5.91 6.04
N VAL A 43 -9.45 5.91 7.35
CA VAL A 43 -8.16 6.15 8.00
C VAL A 43 -8.00 5.16 9.14
N TYR A 44 -6.85 4.50 9.20
CA TYR A 44 -6.45 3.78 10.39
C TYR A 44 -4.98 4.06 10.62
N ALA A 45 -4.65 4.48 11.84
CA ALA A 45 -3.27 4.81 12.19
C ALA A 45 -2.97 4.20 13.56
N MET A 46 -1.80 3.59 13.69
N MET A 46 -1.84 3.51 13.66
N MET A 46 -1.80 3.59 13.67
CA MET A 46 -1.44 2.85 14.90
CA MET A 46 -1.42 2.87 14.89
CA MET A 46 -1.39 2.86 14.87
C MET A 46 -0.07 3.30 15.40
C MET A 46 -0.09 3.44 15.35
C MET A 46 -0.06 3.38 15.37
N ASP A 47 -0.04 3.80 16.63
CA ASP A 47 1.22 4.11 17.31
C ASP A 47 1.72 2.78 17.86
N THR A 48 2.79 2.24 17.29
CA THR A 48 3.24 0.91 17.70
C THR A 48 3.88 0.89 19.07
N GLY A 49 4.14 2.05 19.67
CA GLY A 49 4.70 2.06 21.01
C GLY A 49 3.64 1.83 22.06
N SER A 50 2.58 2.63 21.99
CA SER A 50 1.54 2.59 23.01
C SER A 50 0.34 1.74 22.64
N GLY A 51 0.14 1.48 21.34
CA GLY A 51 -1.05 0.83 20.87
C GLY A 51 -2.20 1.77 20.60
N ALA A 52 -2.03 3.07 20.82
CA ALA A 52 -3.09 4.01 20.53
C ALA A 52 -3.35 4.08 19.04
N THR A 53 -4.61 4.29 18.68
CA THR A 53 -5.02 4.32 17.29
C THR A 53 -5.91 5.52 17.00
N VAL A 54 -5.91 5.90 15.73
CA VAL A 54 -6.90 6.79 15.12
C VAL A 54 -7.65 5.97 14.08
N SER A 55 -8.98 6.11 14.05
N SER A 55 -8.98 6.01 14.13
CA SER A 55 -9.82 5.23 13.26
CA SER A 55 -9.78 5.20 13.22
C SER A 55 -11.02 6.00 12.77
C SER A 55 -11.02 5.97 12.77
N TYR A 56 -11.20 6.03 11.45
CA TYR A 56 -12.34 6.71 10.84
C TYR A 56 -12.72 5.93 9.60
N ARG A 57 -13.94 5.38 9.58
CA ARG A 57 -14.36 4.49 8.50
C ARG A 57 -13.35 3.35 8.31
N ALA A 58 -12.73 2.90 9.40
CA ALA A 58 -11.55 2.04 9.26
C ALA A 58 -11.87 0.63 8.80
N GLU A 59 -13.10 0.17 9.01
CA GLU A 59 -13.49 -1.18 8.64
C GLU A 59 -14.33 -1.21 7.38
N GLU A 60 -14.53 -0.07 6.72
CA GLU A 60 -15.18 -0.07 5.41
C GLU A 60 -14.22 -0.55 4.34
N ARG A 61 -14.77 -1.13 3.27
CA ARG A 61 -13.95 -1.55 2.15
C ARG A 61 -13.70 -0.40 1.20
N PHE A 62 -12.46 -0.33 0.70
CA PHE A 62 -12.08 0.61 -0.35
C PHE A 62 -11.27 -0.15 -1.38
N PRO A 63 -11.36 0.22 -2.65
CA PRO A 63 -10.50 -0.43 -3.65
C PRO A 63 -9.03 -0.25 -3.35
N LEU A 64 -8.27 -1.32 -3.57
CA LEU A 64 -6.82 -1.30 -3.39
C LEU A 64 -6.13 -0.49 -4.49
N CYS A 65 -6.63 -0.59 -5.72
CA CYS A 65 -5.93 0.00 -6.86
C CYS A 65 -4.49 -0.50 -6.81
N SER A 66 -3.52 0.35 -7.16
CA SER A 66 -2.13 -0.09 -7.21
C SER A 66 -1.57 -0.49 -5.85
N SER A 67 -2.25 -0.13 -4.76
CA SER A 67 -1.66 -0.37 -3.45
C SER A 67 -1.47 -1.85 -3.15
N PHE A 68 -2.17 -2.75 -3.85
CA PHE A 68 -1.92 -4.18 -3.61
C PHE A 68 -0.49 -4.57 -3.92
N LYS A 69 0.24 -3.75 -4.70
CA LYS A 69 1.56 -4.14 -5.17
C LYS A 69 2.57 -4.19 -4.04
N GLY A 70 2.37 -3.43 -2.97
CA GLY A 70 3.23 -3.61 -1.81
C GLY A 70 3.10 -5.00 -1.22
N PHE A 71 1.85 -5.44 -0.98
CA PHE A 71 1.63 -6.77 -0.43
C PHE A 71 2.10 -7.85 -1.40
N LEU A 72 1.98 -7.60 -2.70
CA LEU A 72 2.50 -8.51 -3.71
C LEU A 72 4.00 -8.73 -3.53
N ALA A 73 4.76 -7.64 -3.38
CA ALA A 73 6.20 -7.76 -3.19
C ALA A 73 6.51 -8.49 -1.89
N ALA A 74 5.74 -8.23 -0.84
CA ALA A 74 5.95 -8.95 0.41
C ALA A 74 5.72 -10.44 0.22
N ALA A 75 4.69 -10.81 -0.54
CA ALA A 75 4.41 -12.22 -0.79
C ALA A 75 5.53 -12.86 -1.59
N VAL A 76 6.12 -12.14 -2.55
CA VAL A 76 7.26 -12.65 -3.29
C VAL A 76 8.44 -12.86 -2.34
N LEU A 77 8.67 -11.90 -1.43
CA LEU A 77 9.76 -12.07 -0.48
C LEU A 77 9.53 -13.28 0.42
N ALA A 78 8.30 -13.47 0.88
CA ALA A 78 7.97 -14.66 1.66
C ALA A 78 8.30 -15.94 0.89
N ARG A 79 7.93 -16.00 -0.38
CA ARG A 79 8.24 -17.18 -1.19
C ARG A 79 9.74 -17.37 -1.31
N SER A 80 10.50 -16.28 -1.40
CA SER A 80 11.95 -16.35 -1.53
C SER A 80 12.62 -16.92 -0.30
N GLN A 81 11.94 -16.95 0.84
CA GLN A 81 12.52 -17.58 2.03
C GLN A 81 12.66 -19.07 1.85
N GLN A 82 11.81 -19.69 1.04
CA GLN A 82 11.89 -21.11 0.73
C GLN A 82 12.53 -21.39 -0.62
N GLN A 83 12.73 -20.38 -1.46
CA GLN A 83 13.31 -20.58 -2.78
C GLN A 83 14.44 -19.55 -2.94
N ALA A 84 15.65 -19.97 -2.56
CA ALA A 84 16.77 -19.03 -2.46
C ALA A 84 17.18 -18.45 -3.80
N ASP A 85 16.80 -19.05 -4.91
CA ASP A 85 17.18 -18.52 -6.22
C ASP A 85 16.07 -17.69 -6.86
N LEU A 86 14.99 -17.44 -6.15
CA LEU A 86 13.83 -16.80 -6.78
C LEU A 86 14.15 -15.36 -7.18
N LEU A 87 14.71 -14.57 -6.26
CA LEU A 87 14.83 -13.14 -6.53
C LEU A 87 15.76 -12.86 -7.69
N ASP A 88 16.79 -13.68 -7.87
CA ASP A 88 17.74 -13.50 -8.96
C ASP A 88 17.25 -14.06 -10.29
N THR A 89 16.06 -14.65 -10.34
CA THR A 89 15.64 -15.34 -11.55
C THR A 89 15.33 -14.33 -12.65
N PRO A 90 15.96 -14.43 -13.81
N PRO A 90 15.91 -14.46 -13.84
CA PRO A 90 15.59 -13.55 -14.92
CA PRO A 90 15.61 -13.50 -14.92
C PRO A 90 14.20 -13.90 -15.44
C PRO A 90 14.32 -13.86 -15.64
N ILE A 91 13.43 -12.86 -15.77
CA ILE A 91 12.11 -13.01 -16.37
C ILE A 91 12.11 -12.24 -17.69
N ARG A 92 11.91 -12.95 -18.80
CA ARG A 92 11.67 -12.33 -20.10
C ARG A 92 10.19 -12.31 -20.41
N TYR A 93 9.75 -11.27 -21.12
CA TYR A 93 8.32 -11.03 -21.35
C TYR A 93 8.18 -10.43 -22.73
N GLY A 94 7.03 -10.64 -23.32
CA GLY A 94 6.76 -10.07 -24.62
C GLY A 94 6.07 -8.72 -24.55
N LYS A 95 5.98 -8.07 -25.71
CA LYS A 95 5.33 -6.77 -25.77
C LYS A 95 3.90 -6.84 -25.26
N ASN A 96 3.25 -8.00 -25.45
CA ASN A 96 1.87 -8.17 -24.98
C ASN A 96 1.73 -8.06 -23.47
N ALA A 97 2.82 -8.20 -22.72
CA ALA A 97 2.77 -8.02 -21.26
C ALA A 97 2.73 -6.55 -20.85
N LEU A 98 3.08 -5.63 -21.75
CA LEU A 98 3.25 -4.23 -21.38
C LEU A 98 1.93 -3.47 -21.42
N VAL A 99 1.17 -3.58 -20.35
CA VAL A 99 -0.09 -2.87 -20.23
C VAL A 99 0.21 -1.43 -19.83
N PRO A 100 -0.76 -0.53 -19.93
CA PRO A 100 -0.50 0.87 -19.59
C PRO A 100 0.08 1.04 -18.20
N TRP A 101 0.98 2.03 -18.09
N TRP A 101 0.98 2.04 -18.06
CA TRP A 101 1.69 2.35 -16.85
CA TRP A 101 1.66 2.36 -16.80
C TRP A 101 2.68 1.28 -16.44
C TRP A 101 2.67 1.28 -16.43
N SER A 102 3.62 1.00 -17.35
CA SER A 102 4.71 0.07 -17.09
C SER A 102 6.03 0.80 -17.36
N PRO A 103 6.32 1.86 -16.62
CA PRO A 103 7.45 2.74 -16.98
C PRO A 103 8.82 2.10 -16.86
N ILE A 104 9.00 1.13 -15.97
CA ILE A 104 10.29 0.45 -15.84
C ILE A 104 10.37 -0.73 -16.77
N SER A 105 9.36 -1.61 -16.75
N SER A 105 9.36 -1.61 -16.71
CA SER A 105 9.45 -2.83 -17.55
CA SER A 105 9.35 -2.81 -17.53
C SER A 105 9.49 -2.54 -19.05
C SER A 105 9.56 -2.49 -19.01
N GLU A 106 8.92 -1.42 -19.49
CA GLU A 106 9.01 -1.09 -20.91
C GLU A 106 10.45 -0.80 -21.35
N LYS A 107 11.31 -0.38 -20.43
N LYS A 107 11.32 -0.38 -20.42
CA LYS A 107 12.70 -0.07 -20.75
CA LYS A 107 12.71 -0.06 -20.73
C LYS A 107 13.57 -1.32 -20.82
C LYS A 107 13.60 -1.30 -20.74
N TYR A 108 13.08 -2.47 -20.33
CA TYR A 108 13.82 -3.72 -20.29
C TYR A 108 13.09 -4.80 -21.08
N LEU A 109 12.17 -4.41 -21.95
CA LEU A 109 11.45 -5.38 -22.76
C LEU A 109 12.41 -6.27 -23.53
N THR A 110 13.46 -5.68 -24.09
CA THR A 110 14.36 -6.44 -24.95
C THR A 110 15.43 -7.18 -24.17
N THR A 111 15.46 -7.04 -22.84
CA THR A 111 16.48 -7.67 -22.03
C THR A 111 15.95 -8.60 -20.94
N GLY A 112 14.74 -8.38 -20.47
CA GLY A 112 14.25 -9.03 -19.27
C GLY A 112 14.67 -8.28 -18.01
N MET A 113 14.06 -8.69 -16.89
N MET A 113 14.04 -8.67 -16.89
CA MET A 113 14.39 -8.15 -15.57
CA MET A 113 14.33 -8.15 -15.56
C MET A 113 14.24 -9.26 -14.54
C MET A 113 14.34 -9.33 -14.60
N THR A 114 15.01 -9.16 -13.46
CA THR A 114 14.89 -10.19 -12.42
C THR A 114 13.61 -10.03 -11.61
N VAL A 115 13.23 -11.11 -10.91
CA VAL A 115 12.08 -11.08 -10.01
C VAL A 115 12.23 -9.95 -9.00
N ALA A 116 13.43 -9.79 -8.42
CA ALA A 116 13.64 -8.69 -7.48
C ALA A 116 13.45 -7.33 -8.16
N GLU A 117 13.96 -7.18 -9.38
CA GLU A 117 13.80 -5.92 -10.10
C GLU A 117 12.33 -5.66 -10.42
N LEU A 118 11.59 -6.70 -10.80
CA LEU A 118 10.16 -6.52 -11.03
C LEU A 118 9.45 -6.10 -9.74
N SER A 119 9.86 -6.69 -8.62
CA SER A 119 9.25 -6.33 -7.34
C SER A 119 9.54 -4.88 -6.98
N ALA A 120 10.79 -4.46 -7.15
CA ALA A 120 11.12 -3.06 -6.89
C ALA A 120 10.34 -2.14 -7.81
N ALA A 121 10.19 -2.51 -9.08
CA ALA A 121 9.46 -1.64 -10.01
C ALA A 121 7.98 -1.58 -9.66
N ALA A 122 7.38 -2.71 -9.27
CA ALA A 122 5.98 -2.71 -8.85
C ALA A 122 5.76 -1.83 -7.63
N VAL A 123 6.70 -1.84 -6.69
CA VAL A 123 6.53 -1.05 -5.47
C VAL A 123 6.84 0.41 -5.72
N GLN A 124 7.97 0.69 -6.38
CA GLN A 124 8.54 2.03 -6.37
C GLN A 124 8.09 2.88 -7.55
N TYR A 125 7.66 2.27 -8.63
CA TYR A 125 7.13 2.94 -9.80
C TYR A 125 5.72 2.48 -10.13
N SER A 126 5.14 1.60 -9.31
CA SER A 126 3.78 1.11 -9.52
C SER A 126 3.62 0.42 -10.87
N ASP A 127 4.70 -0.19 -11.36
CA ASP A 127 4.72 -0.79 -12.69
C ASP A 127 3.67 -1.90 -12.83
N ASN A 128 2.77 -1.75 -13.83
CA ASN A 128 1.66 -2.69 -13.98
C ASN A 128 2.06 -4.01 -14.63
N ALA A 129 2.90 -3.97 -15.68
CA ALA A 129 3.39 -5.23 -16.24
C ALA A 129 4.14 -6.04 -15.19
N ALA A 130 5.00 -5.37 -14.42
CA ALA A 130 5.72 -6.08 -13.37
C ALA A 130 4.75 -6.74 -12.40
N ALA A 131 3.70 -6.02 -12.03
CA ALA A 131 2.73 -6.58 -11.09
C ALA A 131 2.05 -7.82 -11.65
N ASN A 132 1.67 -7.79 -12.93
CA ASN A 132 1.03 -8.96 -13.49
C ASN A 132 1.99 -10.14 -13.57
N LEU A 133 3.25 -9.87 -13.94
CA LEU A 133 4.23 -10.95 -14.01
C LEU A 133 4.45 -11.59 -12.63
N LEU A 134 4.47 -10.78 -11.58
CA LEU A 134 4.68 -11.33 -10.25
C LEU A 134 3.43 -12.05 -9.75
N LEU A 135 2.26 -11.51 -10.07
CA LEU A 135 1.03 -12.23 -9.74
C LEU A 135 1.06 -13.64 -10.34
N LYS A 136 1.52 -13.77 -11.58
CA LYS A 136 1.61 -15.09 -12.20
C LYS A 136 2.54 -16.00 -11.40
N GLU A 137 3.64 -15.45 -10.89
CA GLU A 137 4.55 -16.26 -10.08
C GLU A 137 3.86 -16.82 -8.85
N LEU A 138 2.92 -16.08 -8.27
CA LEU A 138 2.27 -16.46 -7.03
C LEU A 138 1.00 -17.26 -7.25
N GLY A 139 0.64 -17.54 -8.50
CA GLY A 139 -0.62 -18.22 -8.75
C GLY A 139 -1.82 -17.31 -8.83
N GLY A 140 -1.62 -16.04 -9.18
CA GLY A 140 -2.70 -15.15 -9.48
C GLY A 140 -3.29 -14.49 -8.26
N PRO A 141 -4.36 -13.72 -8.45
CA PRO A 141 -5.03 -13.04 -7.32
C PRO A 141 -5.36 -13.94 -6.14
N ALA A 142 -5.79 -15.18 -6.37
CA ALA A 142 -6.09 -16.05 -5.24
C ALA A 142 -4.82 -16.41 -4.47
N GLY A 143 -3.69 -16.49 -5.17
CA GLY A 143 -2.43 -16.76 -4.48
C GLY A 143 -1.98 -15.63 -3.59
N LEU A 144 -2.15 -14.38 -4.04
CA LEU A 144 -1.84 -13.25 -3.16
C LEU A 144 -2.81 -13.21 -1.99
N THR A 145 -4.11 -13.44 -2.25
CA THR A 145 -5.09 -13.48 -1.17
C THR A 145 -4.71 -14.54 -0.14
N ALA A 146 -4.29 -15.72 -0.60
CA ALA A 146 -3.85 -16.78 0.30
C ALA A 146 -2.68 -16.34 1.16
N PHE A 147 -1.72 -15.60 0.59
CA PHE A 147 -0.62 -15.12 1.41
C PHE A 147 -1.15 -14.20 2.51
N MET A 148 -2.05 -13.28 2.15
CA MET A 148 -2.61 -12.39 3.15
C MET A 148 -3.35 -13.16 4.22
N ARG A 149 -4.12 -14.19 3.84
CA ARG A 149 -4.76 -15.02 4.86
C ARG A 149 -3.72 -15.65 5.79
N SER A 150 -2.57 -16.04 5.24
CA SER A 150 -1.55 -16.74 6.03
C SER A 150 -0.93 -15.86 7.10
N ILE A 151 -1.01 -14.54 6.96
CA ILE A 151 -0.53 -13.64 8.01
C ILE A 151 -1.65 -13.15 8.90
N GLY A 152 -2.87 -13.68 8.73
CA GLY A 152 -3.98 -13.36 9.60
C GLY A 152 -4.90 -12.27 9.09
N ASP A 153 -4.77 -11.85 7.84
CA ASP A 153 -5.64 -10.83 7.26
C ASP A 153 -6.83 -11.51 6.61
N THR A 154 -8.01 -11.36 7.22
CA THR A 154 -9.25 -11.97 6.72
C THR A 154 -10.08 -11.00 5.88
N THR A 155 -9.60 -9.78 5.65
CA THR A 155 -10.33 -8.75 4.94
C THR A 155 -9.86 -8.62 3.51
N PHE A 156 -8.55 -8.58 3.31
CA PHE A 156 -7.97 -8.39 1.99
C PHE A 156 -8.54 -9.39 0.97
N ARG A 157 -8.90 -8.87 -0.21
CA ARG A 157 -9.15 -9.77 -1.33
C ARG A 157 -8.63 -9.14 -2.61
N LEU A 158 -7.84 -9.90 -3.36
CA LEU A 158 -7.57 -9.59 -4.76
C LEU A 158 -8.30 -10.62 -5.60
N ASP A 159 -8.95 -10.13 -6.63
CA ASP A 159 -9.82 -10.94 -7.48
C ASP A 159 -9.44 -10.89 -8.95
N ARG A 160 -8.81 -9.83 -9.40
CA ARG A 160 -8.55 -9.59 -10.82
C ARG A 160 -7.11 -9.12 -11.01
N TRP A 161 -6.72 -8.99 -12.27
CA TRP A 161 -5.38 -8.62 -12.70
C TRP A 161 -5.38 -7.15 -13.13
N GLU A 162 -4.20 -6.64 -13.45
CA GLU A 162 -4.12 -5.30 -14.04
C GLU A 162 -4.55 -5.40 -15.49
N LEU A 163 -5.40 -4.50 -15.97
CA LEU A 163 -5.88 -3.31 -15.30
C LEU A 163 -7.29 -3.41 -14.73
N GLU A 164 -7.93 -4.57 -14.93
CA GLU A 164 -9.35 -4.69 -14.57
C GLU A 164 -9.61 -4.43 -13.10
N LEU A 165 -8.64 -4.72 -12.23
CA LEU A 165 -8.81 -4.56 -10.80
C LEU A 165 -9.01 -3.12 -10.36
N ASN A 166 -8.85 -2.14 -11.26
CA ASN A 166 -8.99 -0.73 -10.91
C ASN A 166 -10.41 -0.18 -11.08
N SER A 167 -11.41 -1.02 -11.38
CA SER A 167 -12.70 -0.47 -11.78
C SER A 167 -13.41 0.29 -10.66
N ALA A 168 -13.15 -0.05 -9.39
CA ALA A 168 -13.58 0.76 -8.24
C ALA A 168 -15.08 1.00 -8.21
N ILE A 169 -15.85 -0.01 -8.59
CA ILE A 169 -17.31 0.15 -8.73
C ILE A 169 -17.94 0.27 -7.33
N PRO A 170 -18.78 1.27 -7.08
CA PRO A 170 -19.37 1.41 -5.75
C PRO A 170 -20.08 0.13 -5.31
N GLY A 171 -19.73 -0.33 -4.10
CA GLY A 171 -20.35 -1.51 -3.52
C GLY A 171 -19.71 -2.83 -3.91
N ASP A 172 -18.79 -2.82 -4.87
CA ASP A 172 -18.15 -4.04 -5.35
C ASP A 172 -16.99 -4.38 -4.43
N ALA A 173 -17.04 -5.51 -3.78
CA ALA A 173 -15.98 -5.90 -2.86
C ALA A 173 -14.75 -6.46 -3.56
N ARG A 174 -14.81 -6.74 -4.85
CA ARG A 174 -13.62 -7.27 -5.49
C ARG A 174 -12.45 -6.31 -5.38
N ASP A 175 -11.27 -6.85 -5.14
CA ASP A 175 -10.05 -6.03 -5.15
C ASP A 175 -10.12 -4.90 -4.13
N THR A 176 -10.57 -5.24 -2.93
CA THR A 176 -10.67 -4.27 -1.86
C THR A 176 -10.03 -4.78 -0.58
N SER A 177 -9.74 -3.84 0.31
CA SER A 177 -9.51 -4.17 1.71
C SER A 177 -10.05 -3.02 2.55
N SER A 178 -9.74 -3.04 3.83
CA SER A 178 -10.12 -1.94 4.73
C SER A 178 -8.87 -1.20 5.18
N PRO A 179 -8.98 0.08 5.52
CA PRO A 179 -7.80 0.78 6.06
C PRO A 179 -7.20 0.06 7.27
N ARG A 180 -8.04 -0.48 8.15
CA ARG A 180 -7.54 -1.17 9.31
C ARG A 180 -6.73 -2.41 8.94
N ALA A 181 -7.29 -3.26 8.07
CA ALA A 181 -6.57 -4.49 7.72
C ALA A 181 -5.28 -4.18 6.96
N VAL A 182 -5.31 -3.17 6.10
CA VAL A 182 -4.09 -2.73 5.43
C VAL A 182 -3.02 -2.34 6.44
N THR A 183 -3.39 -1.53 7.43
CA THR A 183 -2.43 -1.12 8.45
C THR A 183 -1.94 -2.30 9.26
N GLU A 184 -2.86 -3.16 9.70
CA GLU A 184 -2.46 -4.31 10.50
C GLU A 184 -1.51 -5.23 9.75
N SER A 185 -1.80 -5.49 8.48
CA SER A 185 -0.92 -6.34 7.70
C SER A 185 0.41 -5.67 7.41
N LEU A 186 0.39 -4.36 7.10
CA LEU A 186 1.63 -3.64 6.90
C LEU A 186 2.51 -3.70 8.12
N GLN A 187 1.91 -3.53 9.31
N GLN A 187 1.92 -3.54 9.32
N GLN A 187 1.92 -3.54 9.32
CA GLN A 187 2.67 -3.63 10.56
CA GLN A 187 2.71 -3.63 10.54
CA GLN A 187 2.69 -3.63 10.55
C GLN A 187 3.34 -5.01 10.67
C GLN A 187 3.34 -5.01 10.67
C GLN A 187 3.34 -5.00 10.69
N LYS A 188 2.56 -6.06 10.43
CA LYS A 188 3.09 -7.42 10.57
C LYS A 188 4.28 -7.64 9.66
N LEU A 189 4.21 -7.12 8.43
CA LEU A 189 5.22 -7.40 7.42
C LEU A 189 6.45 -6.51 7.56
N THR A 190 6.31 -5.28 8.03
CA THR A 190 7.45 -4.37 8.11
C THR A 190 8.07 -4.29 9.50
N LEU A 191 7.31 -4.58 10.56
CA LEU A 191 7.81 -4.43 11.92
C LEU A 191 7.65 -5.69 12.75
N GLY A 192 6.67 -6.51 12.42
CA GLY A 192 6.42 -7.75 13.12
C GLY A 192 7.23 -8.88 12.55
N SER A 193 6.71 -10.09 12.68
CA SER A 193 7.48 -11.29 12.34
C SER A 193 6.91 -12.07 11.15
N ALA A 194 6.06 -11.45 10.33
CA ALA A 194 5.49 -12.19 9.21
C ALA A 194 6.54 -12.55 8.17
N LEU A 195 7.57 -11.73 8.01
CA LEU A 195 8.71 -12.03 7.17
C LEU A 195 9.93 -12.27 8.05
N ALA A 196 10.84 -13.11 7.56
CA ALA A 196 12.13 -13.26 8.21
C ALA A 196 12.90 -11.94 8.10
N ALA A 197 13.86 -11.77 9.02
CA ALA A 197 14.49 -10.45 9.16
C ALA A 197 15.10 -9.91 7.89
N PRO A 198 15.85 -10.68 7.09
CA PRO A 198 16.42 -10.10 5.86
C PRO A 198 15.35 -9.64 4.89
N GLN A 199 14.30 -10.46 4.72
CA GLN A 199 13.23 -10.11 3.81
C GLN A 199 12.44 -8.92 4.32
N ARG A 200 12.25 -8.83 5.64
N ARG A 200 12.24 -8.83 5.64
CA ARG A 200 11.56 -7.68 6.21
CA ARG A 200 11.56 -7.68 6.19
C ARG A 200 12.29 -6.39 5.86
C ARG A 200 12.29 -6.39 5.84
N GLN A 201 13.61 -6.38 6.03
CA GLN A 201 14.38 -5.17 5.72
C GLN A 201 14.34 -4.86 4.22
N GLN A 202 14.33 -5.89 3.38
CA GLN A 202 14.22 -5.61 1.94
C GLN A 202 12.86 -4.99 1.62
N PHE A 203 11.79 -5.49 2.23
CA PHE A 203 10.48 -4.89 2.01
C PHE A 203 10.45 -3.43 2.44
N VAL A 204 10.96 -3.15 3.64
CA VAL A 204 11.07 -1.78 4.12
C VAL A 204 11.87 -0.93 3.14
N ASP A 205 13.00 -1.45 2.66
CA ASP A 205 13.83 -0.66 1.75
C ASP A 205 13.11 -0.35 0.45
N TRP A 206 12.35 -1.33 -0.09
CA TRP A 206 11.58 -1.04 -1.28
C TRP A 206 10.56 0.06 -1.02
N LEU A 207 9.84 -0.02 0.11
CA LEU A 207 8.85 1.00 0.41
C LEU A 207 9.51 2.36 0.63
N LYS A 208 10.67 2.38 1.29
CA LYS A 208 11.34 3.67 1.49
C LYS A 208 11.71 4.32 0.17
N GLY A 209 12.01 3.51 -0.83
CA GLY A 209 12.41 4.03 -2.12
C GLY A 209 11.28 4.35 -3.06
N ASN A 210 10.04 4.30 -2.58
CA ASN A 210 8.94 4.63 -3.47
C ASN A 210 9.09 6.03 -4.03
N THR A 211 8.77 6.18 -5.32
CA THR A 211 8.86 7.47 -5.99
C THR A 211 7.51 8.15 -6.23
N THR A 212 6.38 7.47 -5.96
CA THR A 212 5.08 7.96 -6.40
C THR A 212 4.28 8.65 -5.29
N GLY A 213 4.81 8.74 -4.08
CA GLY A 213 4.01 9.18 -2.96
C GLY A 213 4.39 10.52 -2.35
N ASN A 214 5.11 11.36 -3.06
CA ASN A 214 5.63 12.57 -2.41
C ASN A 214 4.52 13.55 -2.03
N HIS A 215 3.34 13.43 -2.65
CA HIS A 215 2.25 14.37 -2.36
C HIS A 215 1.18 13.76 -1.48
N ARG A 216 1.44 12.60 -0.87
CA ARG A 216 0.42 11.92 -0.07
C ARG A 216 0.91 11.86 1.39
N ILE A 217 1.02 10.68 2.00
CA ILE A 217 1.39 10.62 3.41
C ILE A 217 2.72 11.34 3.64
N ARG A 218 3.69 11.16 2.73
CA ARG A 218 4.99 11.79 2.87
C ARG A 218 4.88 13.30 3.05
N ALA A 219 3.90 13.93 2.41
CA ALA A 219 3.76 15.39 2.52
C ALA A 219 3.38 15.82 3.91
N ALA A 220 2.87 14.90 4.73
CA ALA A 220 2.49 15.20 6.11
C ALA A 220 3.58 14.80 7.10
N VAL A 221 4.67 14.20 6.64
CA VAL A 221 5.70 13.65 7.52
C VAL A 221 6.94 14.55 7.44
N PRO A 222 7.50 14.98 8.56
CA PRO A 222 8.72 15.81 8.49
C PRO A 222 9.84 15.14 7.72
N ALA A 223 10.63 15.97 7.02
CA ALA A 223 11.66 15.46 6.13
C ALA A 223 12.74 14.67 6.88
N ASP A 224 12.96 14.93 8.16
CA ASP A 224 14.00 14.21 8.90
C ASP A 224 13.51 12.90 9.51
N TRP A 225 12.27 12.48 9.23
CA TRP A 225 11.80 11.15 9.62
C TRP A 225 11.87 10.21 8.43
N ALA A 226 12.16 8.94 8.69
CA ALA A 226 12.13 7.93 7.64
C ALA A 226 10.70 7.50 7.35
N VAL A 227 10.42 7.16 6.10
N VAL A 227 10.43 7.20 6.08
CA VAL A 227 9.08 6.75 5.72
CA VAL A 227 9.11 6.80 5.64
C VAL A 227 9.13 5.87 4.49
C VAL A 227 9.26 5.75 4.55
N GLY A 228 8.33 4.82 4.51
CA GLY A 228 8.13 3.99 3.33
C GLY A 228 6.65 3.88 3.07
N ASP A 229 6.30 3.88 1.78
CA ASP A 229 4.88 3.89 1.45
C ASP A 229 4.59 3.20 0.13
N LYS A 230 3.30 2.89 -0.08
CA LYS A 230 2.81 2.49 -1.39
C LYS A 230 1.48 3.18 -1.67
N THR A 231 1.36 3.77 -2.85
CA THR A 231 0.18 4.49 -3.30
C THR A 231 -0.71 3.63 -4.21
N GLY A 232 -1.93 4.13 -4.41
CA GLY A 232 -2.85 3.58 -5.38
C GLY A 232 -3.74 4.67 -5.95
N THR A 233 -4.06 4.58 -7.25
CA THR A 233 -4.86 5.62 -7.93
C THR A 233 -5.69 4.91 -9.01
N CYS A 234 -6.94 4.56 -8.67
CA CYS A 234 -7.73 3.75 -9.59
C CYS A 234 -8.08 4.51 -10.86
N GLY A 235 -8.25 5.83 -10.78
CA GLY A 235 -8.53 6.64 -11.96
C GLY A 235 -10.00 6.90 -12.18
N VAL A 236 -10.87 6.38 -11.31
CA VAL A 236 -12.30 6.58 -11.39
C VAL A 236 -12.84 6.65 -9.98
N TYR A 237 -14.05 7.18 -9.83
CA TYR A 237 -14.77 7.17 -8.55
C TYR A 237 -13.96 7.79 -7.43
N GLY A 238 -13.20 8.84 -7.77
CA GLY A 238 -12.43 9.56 -6.78
C GLY A 238 -11.59 8.66 -5.89
N THR A 239 -11.11 7.52 -6.43
CA THR A 239 -10.57 6.44 -5.61
C THR A 239 -9.05 6.44 -5.68
N ALA A 240 -8.43 6.71 -4.54
CA ALA A 240 -6.97 6.76 -4.44
C ALA A 240 -6.59 6.54 -2.98
N ASN A 241 -5.31 6.22 -2.76
CA ASN A 241 -4.94 5.80 -1.42
C ASN A 241 -3.42 5.84 -1.24
N ASP A 242 -3.01 5.58 -0.01
CA ASP A 242 -1.60 5.48 0.37
C ASP A 242 -1.56 4.78 1.72
N TYR A 243 -0.55 3.93 1.92
CA TYR A 243 -0.26 3.42 3.24
C TYR A 243 1.24 3.55 3.49
N ALA A 244 1.61 3.65 4.76
CA ALA A 244 2.98 3.97 5.09
C ALA A 244 3.37 3.46 6.46
N VAL A 245 4.67 3.19 6.61
CA VAL A 245 5.31 3.08 7.91
C VAL A 245 6.19 4.30 8.06
N VAL A 246 6.11 4.96 9.21
CA VAL A 246 6.79 6.21 9.50
C VAL A 246 7.61 5.98 10.75
N TRP A 247 8.87 6.41 10.71
CA TRP A 247 9.77 6.29 11.86
C TRP A 247 10.10 7.68 12.36
N PRO A 248 9.33 8.24 13.29
CA PRO A 248 9.72 9.52 13.88
C PRO A 248 11.02 9.28 14.64
N THR A 249 11.83 10.31 14.75
CA THR A 249 13.03 10.16 15.57
C THR A 249 12.60 10.15 17.04
N GLY A 250 13.25 9.33 17.83
CA GLY A 250 12.92 9.40 19.25
C GLY A 250 11.60 8.81 19.75
N ARG A 251 10.77 8.19 18.92
CA ARG A 251 9.62 7.45 19.42
C ARG A 251 9.36 6.28 18.48
N ALA A 252 8.44 5.41 18.88
CA ALA A 252 8.19 4.18 18.13
C ALA A 252 7.54 4.50 16.78
N PRO A 253 7.70 3.59 15.81
CA PRO A 253 7.11 3.85 14.50
C PRO A 253 5.59 3.88 14.51
N ILE A 254 5.06 4.58 13.51
N ILE A 254 5.05 4.57 13.51
CA ILE A 254 3.63 4.70 13.27
CA ILE A 254 3.61 4.69 13.28
C ILE A 254 3.34 3.99 11.95
C ILE A 254 3.30 4.04 11.95
N VAL A 255 2.24 3.25 11.91
CA VAL A 255 1.77 2.62 10.68
C VAL A 255 0.40 3.20 10.38
N LEU A 256 0.17 3.59 9.13
CA LEU A 256 -1.12 4.18 8.80
C LEU A 256 -1.53 3.92 7.35
N ALA A 257 -2.84 4.02 7.13
CA ALA A 257 -3.44 3.83 5.83
C ALA A 257 -4.54 4.87 5.64
N VAL A 258 -4.55 5.48 4.46
CA VAL A 258 -5.54 6.48 4.07
C VAL A 258 -6.10 6.09 2.71
N TYR A 259 -7.40 5.79 2.65
CA TYR A 259 -8.08 5.37 1.43
C TYR A 259 -9.23 6.34 1.15
N THR A 260 -9.49 6.59 -0.13
CA THR A 260 -10.60 7.44 -0.52
C THR A 260 -11.41 6.80 -1.64
N ARG A 261 -12.67 7.23 -1.71
CA ARG A 261 -13.55 6.90 -2.82
C ARG A 261 -14.63 7.98 -2.85
N ALA A 262 -15.40 8.01 -3.93
CA ALA A 262 -16.41 9.04 -4.15
C ALA A 262 -17.51 8.44 -5.00
N PRO A 263 -18.71 9.01 -4.97
CA PRO A 263 -19.87 8.30 -5.53
C PRO A 263 -19.92 8.25 -7.05
N ASN A 264 -19.35 9.22 -7.76
CA ASN A 264 -19.55 9.34 -9.19
C ASN A 264 -18.32 8.88 -9.94
N LYS A 265 -18.54 8.25 -11.11
CA LYS A 265 -17.41 7.68 -11.83
C LYS A 265 -16.37 8.75 -12.18
N ASP A 266 -16.83 9.95 -12.52
CA ASP A 266 -15.91 10.99 -12.93
C ASP A 266 -15.48 11.91 -11.78
N ASP A 267 -15.79 11.57 -10.53
CA ASP A 267 -15.25 12.34 -9.42
C ASP A 267 -13.74 12.19 -9.39
N LYS A 268 -13.04 13.29 -9.13
CA LYS A 268 -11.59 13.25 -9.16
C LYS A 268 -11.02 12.87 -7.79
N HIS A 269 -9.92 12.12 -7.81
CA HIS A 269 -9.18 11.88 -6.59
C HIS A 269 -8.41 13.15 -6.21
N SER A 270 -7.94 13.17 -4.97
CA SER A 270 -7.17 14.30 -4.45
C SER A 270 -5.98 13.79 -3.66
N GLU A 271 -4.76 14.17 -4.09
CA GLU A 271 -3.59 13.87 -3.27
C GLU A 271 -3.61 14.72 -2.01
N ALA A 272 -4.03 15.99 -2.13
CA ALA A 272 -4.01 16.89 -0.98
C ALA A 272 -4.92 16.39 0.14
N VAL A 273 -6.05 15.77 -0.22
CA VAL A 273 -6.93 15.23 0.81
C VAL A 273 -6.27 14.07 1.55
N ILE A 274 -5.51 13.24 0.85
CA ILE A 274 -4.81 12.14 1.49
C ILE A 274 -3.75 12.68 2.46
N ALA A 275 -2.98 13.69 2.01
CA ALA A 275 -2.00 14.31 2.90
C ALA A 275 -2.68 14.93 4.11
N ALA A 276 -3.80 15.62 3.88
CA ALA A 276 -4.50 16.26 4.99
C ALA A 276 -5.02 15.23 6.00
N ALA A 277 -5.53 14.10 5.50
CA ALA A 277 -6.01 13.05 6.39
C ALA A 277 -4.87 12.45 7.18
N ALA A 278 -3.70 12.27 6.54
CA ALA A 278 -2.53 11.78 7.27
C ALA A 278 -2.13 12.76 8.38
N ARG A 279 -2.20 14.06 8.10
N ARG A 279 -2.17 14.05 8.09
CA ARG A 279 -1.84 15.04 9.11
CA ARG A 279 -1.84 15.04 9.11
C ARG A 279 -2.79 14.98 10.29
C ARG A 279 -2.79 14.92 10.31
N LEU A 280 -4.09 14.78 10.03
CA LEU A 280 -5.04 14.64 11.12
C LEU A 280 -4.79 13.38 11.92
N ALA A 281 -4.42 12.30 11.25
CA ALA A 281 -4.13 11.05 11.95
C ALA A 281 -2.94 11.22 12.89
N LEU A 282 -1.87 11.85 12.40
CA LEU A 282 -0.69 12.06 13.26
C LEU A 282 -1.05 12.98 14.42
N GLU A 283 -1.82 14.03 14.15
CA GLU A 283 -2.27 14.91 15.23
C GLU A 283 -3.08 14.12 16.25
N GLY A 284 -3.94 13.22 15.78
CA GLY A 284 -4.75 12.43 16.68
C GLY A 284 -3.95 11.50 17.56
N LEU A 285 -2.76 11.11 17.11
CA LEU A 285 -1.87 10.28 17.91
C LEU A 285 -0.95 11.08 18.80
N GLY A 286 -1.05 12.41 18.77
CA GLY A 286 -0.16 13.22 19.57
C GLY A 286 1.27 13.23 19.09
N VAL A 287 1.48 12.88 17.83
CA VAL A 287 2.82 12.87 17.26
C VAL A 287 3.11 14.28 16.77
N ASN A 288 4.08 14.96 17.40
CA ASN A 288 4.44 16.30 16.97
C ASN A 288 5.17 16.20 15.64
N GLY A 289 4.64 16.84 14.63
CA GLY A 289 5.21 16.75 13.30
C GLY A 289 5.30 18.08 12.59
C1 GOL B . 14.23 2.21 9.95
C1 GOL B . 14.03 2.28 9.83
O1 GOL B . 13.77 3.36 9.28
O1 GOL B . 13.54 3.46 9.21
C2 GOL B . 14.03 0.97 8.96
C2 GOL B . 13.90 1.11 8.77
O2 GOL B . 15.04 0.84 8.10
O2 GOL B . 15.03 0.90 8.08
C3 GOL B . 13.90 -0.27 9.91
C3 GOL B . 13.43 -0.16 9.59
O3 GOL B . 13.40 -1.35 9.08
O3 GOL B . 14.62 -0.86 9.98
H31 GOL B . 13.31 -0.05 10.65
H31 GOL B . 12.84 -0.68 9.03
H32 GOL B . 14.76 -0.46 10.31
H32 GOL B . 12.90 0.13 10.33
HO3 GOL B . 13.70 -1.28 8.30
HO3 GOL B . 15.03 -1.09 9.26
OAC NXL C . -3.15 2.41 -8.94
CAN NXL C . -2.20 2.09 -9.61
N NXL C . -1.97 2.48 -10.86
CAJ NXL C . -0.63 2.38 -11.45
CA NXL C . -3.05 3.11 -11.65
C NXL C . -3.69 2.13 -12.64
O NXL C . -3.22 0.99 -12.75
NAA NXL C . -4.73 2.58 -13.33
CB NXL C . -2.57 4.41 -12.31
CAH NXL C . -1.19 4.31 -12.94
CAO NXL C . -0.15 3.73 -11.98
NAK NXL C . 0.15 4.65 -10.85
OAL NXL C . 0.13 4.02 -9.65
SAR NXL C . 0.05 5.03 -8.38
OAD NXL C . -0.63 4.20 -7.30
OAE NXL C . 1.40 5.25 -7.99
OAG NXL C . -0.83 6.05 -8.73
H2 NXL C . 0.06 2.00 -10.70
H3 NXL C . -0.63 1.64 -12.25
H4 NXL C . -3.80 3.43 -10.94
H5 NXL C . -5.12 3.50 -13.22
H6 NXL C . -5.24 2.01 -14.01
H7 NXL C . -3.28 4.72 -13.06
H8 NXL C . -2.57 5.21 -11.57
H9 NXL C . -1.26 3.70 -13.84
H10 NXL C . -0.89 5.29 -13.29
H11 NXL C . 0.76 3.53 -12.52
H12 NXL C . 1.12 4.99 -10.91
H13 NXL C . -1.49 3.69 -7.33
C5 A1H3M D . -1.23 4.22 -12.99
C6 A1H3M D . -3.65 2.10 -12.58
N1 A1H3M D . 0.91 4.02 -11.73
C2 A1H3M D . -0.24 3.60 -12.05
C4 A1H3M D . -2.58 4.41 -12.32
N A1H3M D . -1.97 2.52 -10.84
C A1H3M D . -2.20 2.08 -9.61
O A1H3M D . -3.13 2.40 -8.87
C1 A1H3M D . -0.68 2.28 -11.49
C3 A1H3M D . -3.05 3.12 -11.62
N2 A1H3M D . -4.72 2.48 -13.25
O1 A1H3M D . -3.13 0.98 -12.72
H7 A1H3M D . -0.84 5.16 -13.36
H8 A1H3M D . -1.32 3.59 -13.87
H4 A1H3M D . 1.20 4.90 -12.15
H6 A1H3M D . -2.52 5.24 -11.61
H5 A1H3M D . -3.31 4.76 -13.06
H3 A1H3M D . -0.75 1.54 -12.29
H2 A1H3M D . 0.07 1.89 -10.80
H1 A1H3M D . -3.81 3.45 -10.91
H9 A1H3M D . -5.11 3.41 -13.10
H10 A1H3M D . -5.17 1.86 -13.90
S SO4 E . -4.41 17.21 -6.00
O1 SO4 E . -5.65 17.95 -6.21
O2 SO4 E . -4.02 17.32 -4.62
O3 SO4 E . -3.35 17.74 -6.86
O4 SO4 E . -4.64 15.80 -6.40
S SO4 F . 0.05 5.01 -8.39
O1 SO4 F . -0.70 5.91 -7.53
O2 SO4 F . 1.48 5.35 -8.40
O3 SO4 F . -0.16 3.62 -8.05
O4 SO4 F . -0.39 5.22 -9.75
#